data_1SUM
#
_entry.id   1SUM
#
_cell.length_a   90.677
_cell.length_b   90.677
_cell.length_c   45.255
_cell.angle_alpha   90.00
_cell.angle_beta   90.00
_cell.angle_gamma   120.00
#
_symmetry.space_group_name_H-M   'P 31 2 1'
#
loop_
_entity.id
_entity.type
_entity.pdbx_description
1 polymer 'Phosphate transport system protein phoU homolog 2'
2 non-polymer 'FE (III) ION'
3 non-polymer 'NICKEL (II) ION'
4 non-polymer 'CALCIUM ION'
5 non-polymer 'PHOSPHITE ION'
6 water water
#
_entity_poly.entity_id   1
_entity_poly.type   'polypeptide(L)'
_entity_poly.pdbx_seq_one_letter_code
;MNRLLNEKVEEFKKGVLKAGWFIEKMFRNSISSLVERNESLAREVIADEEVVDQMEVEIQEKAMEVLGLFSPIGKPLLTV
TAGIRVAELIENIADKCHDIAKNVLELMEEPPLKPLEDIPAMANQTSEMLKFALRMFADVNVEKSFEVCRMDSKVDDLYE
KVREELLLYMMESPKYVKRALLLLEIAGNIEIIADYATNIVEVSVYMVQGEAYKCYHDELLLFKKSGGVLFESSD
;
_entity_poly.pdbx_strand_id   B
#
loop_
_chem_comp.id
_chem_comp.type
_chem_comp.name
_chem_comp.formula
CA non-polymer 'CALCIUM ION' 'Ca 2'
FE non-polymer 'FE (III) ION' 'Fe 3'
NI non-polymer 'NICKEL (II) ION' 'Ni 2'
PO3 non-polymer 'PHOSPHITE ION' 'O3 P -3'
#
# COMPACT_ATOMS: atom_id res chain seq x y z
N ASN A 2 -3.58 -33.84 -12.30
CA ASN A 2 -2.12 -34.08 -12.18
C ASN A 2 -1.41 -32.76 -11.91
N ARG A 3 -1.72 -31.77 -12.73
CA ARG A 3 -1.24 -30.42 -12.53
C ARG A 3 -2.42 -29.44 -12.49
N LEU A 4 -3.51 -29.87 -11.85
CA LEU A 4 -4.53 -28.95 -11.33
C LEU A 4 -3.95 -28.17 -10.11
N LEU A 5 -2.73 -28.52 -9.73
CA LEU A 5 -1.91 -27.62 -8.95
C LEU A 5 -1.96 -26.21 -9.56
N ASN A 6 -1.88 -26.15 -10.89
CA ASN A 6 -1.96 -24.87 -11.61
C ASN A 6 -3.29 -24.14 -11.45
N GLU A 7 -4.41 -24.87 -11.44
CA GLU A 7 -5.71 -24.24 -11.18
C GLU A 7 -5.72 -23.59 -9.80
N LYS A 8 -5.23 -24.32 -8.80
CA LYS A 8 -5.33 -23.87 -7.42
C LYS A 8 -4.38 -22.70 -7.13
N VAL A 9 -3.20 -22.72 -7.76
CA VAL A 9 -2.19 -21.66 -7.57
C VAL A 9 -2.65 -20.38 -8.24
N GLU A 10 -3.27 -20.52 -9.42
CA GLU A 10 -3.80 -19.38 -10.17
C GLU A 10 -4.97 -18.71 -9.44
N GLU A 11 -5.84 -19.53 -8.84
CA GLU A 11 -6.93 -19.03 -8.00
C GLU A 11 -6.42 -18.34 -6.71
N PHE A 12 -5.39 -18.90 -6.09
CA PHE A 12 -4.77 -18.28 -4.92
C PHE A 12 -4.23 -16.89 -5.27
N LYS A 13 -3.47 -16.81 -6.37
CA LYS A 13 -2.93 -15.57 -6.91
C LYS A 13 -4.03 -14.54 -7.21
N LYS A 14 -5.09 -14.97 -7.87
CA LYS A 14 -6.22 -14.09 -8.15
C LYS A 14 -6.93 -13.60 -6.88
N GLY A 15 -6.93 -14.40 -5.83
CA GLY A 15 -7.47 -13.99 -4.54
C GLY A 15 -6.64 -12.85 -3.96
N VAL A 16 -5.33 -12.99 -4.04
CA VAL A 16 -4.39 -12.00 -3.51
C VAL A 16 -4.55 -10.69 -4.28
N LEU A 17 -4.68 -10.80 -5.59
CA LEU A 17 -4.83 -9.65 -6.46
C LEU A 17 -6.15 -8.93 -6.21
N LYS A 18 -7.22 -9.68 -5.94
CA LYS A 18 -8.50 -9.09 -5.62
C LYS A 18 -8.47 -8.35 -4.28
N ALA A 19 -7.76 -8.89 -3.27
CA ALA A 19 -7.58 -8.16 -2.02
C ALA A 19 -6.74 -6.90 -2.28
N GLY A 20 -5.79 -6.99 -3.20
CA GLY A 20 -5.03 -5.83 -3.64
C GLY A 20 -5.91 -4.74 -4.26
N TRP A 21 -6.75 -5.13 -5.21
CA TRP A 21 -7.66 -4.20 -5.89
C TRP A 21 -8.59 -3.55 -4.86
N PHE A 22 -8.99 -4.35 -3.86
CA PHE A 22 -9.75 -3.87 -2.71
C PHE A 22 -9.04 -2.77 -1.90
N ILE A 23 -7.75 -2.92 -1.55
CA ILE A 23 -7.06 -1.83 -0.84
C ILE A 23 -6.71 -0.66 -1.76
N GLU A 24 -6.58 -0.91 -3.05
CA GLU A 24 -6.38 0.15 -4.01
C GLU A 24 -7.58 1.08 -3.96
N LYS A 25 -8.78 0.51 -3.90
CA LYS A 25 -10.03 1.25 -3.74
C LYS A 25 -10.15 1.89 -2.37
N MET A 26 -9.75 1.17 -1.31
CA MET A 26 -9.73 1.73 0.05
C MET A 26 -8.90 3.02 0.15
N PHE A 27 -7.70 2.99 -0.41
CA PHE A 27 -6.82 4.13 -0.36
C PHE A 27 -7.42 5.30 -1.14
N ARG A 28 -8.00 5.00 -2.30
CA ARG A 28 -8.74 6.00 -3.07
C ARG A 28 -9.84 6.61 -2.19
N ASN A 29 -10.59 5.76 -1.51
CA ASN A 29 -11.74 6.20 -0.72
C ASN A 29 -11.33 6.99 0.51
N SER A 30 -10.19 6.66 1.11
CA SER A 30 -9.70 7.36 2.31
C SER A 30 -9.28 8.80 1.97
N ILE A 31 -8.60 8.95 0.83
CA ILE A 31 -8.14 10.24 0.38
C ILE A 31 -9.37 11.06 -0.11
N SER A 32 -10.36 10.40 -0.70
CA SER A 32 -11.60 11.08 -1.11
C SER A 32 -12.39 11.58 0.09
N SER A 33 -12.43 10.80 1.17
CA SER A 33 -13.10 11.23 2.40
C SER A 33 -12.48 12.53 2.94
N LEU A 34 -11.16 12.66 2.77
CA LEU A 34 -10.43 13.87 3.17
C LEU A 34 -10.82 15.07 2.32
N VAL A 35 -10.73 14.91 1.01
CA VAL A 35 -10.89 16.05 0.10
C VAL A 35 -12.36 16.50 0.02
N GLU A 36 -13.27 15.54 0.06
CA GLU A 36 -14.70 15.82 -0.01
C GLU A 36 -15.31 15.99 1.38
N ARG A 37 -14.52 15.73 2.43
CA ARG A 37 -15.01 15.78 3.81
C ARG A 37 -16.33 15.00 3.90
N ASN A 38 -16.22 13.72 3.60
CA ASN A 38 -17.34 12.79 3.63
C ASN A 38 -17.19 11.80 4.78
N GLU A 39 -17.92 12.09 5.85
CA GLU A 39 -17.87 11.29 7.08
C GLU A 39 -18.18 9.83 6.82
N SER A 40 -19.21 9.58 6.02
CA SER A 40 -19.65 8.22 5.70
C SER A 40 -18.57 7.41 4.99
N LEU A 41 -17.94 8.01 4.00
CA LEU A 41 -16.91 7.35 3.22
C LEU A 41 -15.71 6.99 4.10
N ALA A 42 -15.38 7.85 5.06
CA ALA A 42 -14.31 7.57 6.01
C ALA A 42 -14.70 6.41 6.91
N ARG A 43 -15.97 6.37 7.32
CA ARG A 43 -16.46 5.28 8.17
C ARG A 43 -16.48 3.95 7.41
N GLU A 44 -16.76 3.98 6.11
CA GLU A 44 -16.71 2.78 5.28
C GLU A 44 -15.27 2.21 5.22
N VAL A 45 -14.29 3.10 5.16
CA VAL A 45 -12.88 2.67 5.10
C VAL A 45 -12.48 2.03 6.42
N ILE A 46 -12.93 2.61 7.53
CA ILE A 46 -12.66 2.05 8.86
C ILE A 46 -13.26 0.63 9.01
N ALA A 47 -14.52 0.49 8.60
CA ALA A 47 -15.19 -0.81 8.50
C ALA A 47 -14.45 -1.80 7.59
N ASP A 48 -14.05 -1.33 6.40
CA ASP A 48 -13.39 -2.16 5.37
C ASP A 48 -12.04 -2.72 5.80
N GLU A 49 -11.43 -2.08 6.79
CA GLU A 49 -10.18 -2.56 7.36
C GLU A 49 -10.40 -3.98 7.90
N GLU A 50 -11.54 -4.20 8.55
CA GLU A 50 -11.86 -5.52 9.10
C GLU A 50 -12.12 -6.56 8.00
N VAL A 51 -12.69 -6.12 6.88
CA VAL A 51 -12.79 -6.97 5.68
C VAL A 51 -11.41 -7.42 5.21
N VAL A 52 -10.43 -6.53 5.29
CA VAL A 52 -9.08 -6.89 4.83
C VAL A 52 -8.40 -7.80 5.83
N ASP A 53 -8.64 -7.62 7.14
CA ASP A 53 -8.15 -8.60 8.11
C ASP A 53 -8.67 -10.01 7.74
N GLN A 54 -9.95 -10.12 7.40
CA GLN A 54 -10.49 -11.39 6.94
C GLN A 54 -9.79 -11.95 5.68
N MET A 55 -9.60 -11.08 4.68
CA MET A 55 -8.94 -11.46 3.44
C MET A 55 -7.56 -12.04 3.73
N GLU A 56 -6.80 -11.41 4.63
CA GLU A 56 -5.51 -11.95 5.04
C GLU A 56 -5.64 -13.35 5.62
N VAL A 57 -6.66 -13.56 6.47
CA VAL A 57 -6.89 -14.87 7.07
C VAL A 57 -7.20 -15.90 6.00
N GLU A 58 -8.05 -15.53 5.04
CA GLU A 58 -8.44 -16.43 3.94
C GLU A 58 -7.24 -16.79 3.05
N ILE A 59 -6.41 -15.80 2.72
CA ILE A 59 -5.23 -16.01 1.89
C ILE A 59 -4.30 -16.98 2.57
N GLN A 60 -4.04 -16.74 3.83
CA GLN A 60 -3.20 -17.61 4.62
C GLN A 60 -3.72 -19.04 4.70
N GLU A 61 -5.03 -19.19 4.92
CA GLU A 61 -5.68 -20.49 4.90
C GLU A 61 -5.44 -21.19 3.55
N LYS A 62 -5.67 -20.49 2.46
CA LYS A 62 -5.57 -21.08 1.12
C LYS A 62 -4.15 -21.49 0.75
N ALA A 63 -3.20 -20.69 1.20
CA ALA A 63 -1.80 -20.98 0.98
C ALA A 63 -1.50 -22.29 1.67
N MET A 64 -1.96 -22.45 2.91
CA MET A 64 -1.71 -23.70 3.64
C MET A 64 -2.34 -24.93 2.94
N GLU A 65 -3.54 -24.75 2.42
CA GLU A 65 -4.23 -25.82 1.70
C GLU A 65 -3.45 -26.25 0.46
N VAL A 66 -2.93 -25.28 -0.29
CA VAL A 66 -2.21 -25.56 -1.53
C VAL A 66 -0.85 -26.23 -1.23
N LEU A 67 -0.15 -25.67 -0.26
CA LEU A 67 1.14 -26.21 0.18
C LEU A 67 1.00 -27.61 0.74
N GLY A 68 -0.04 -27.83 1.56
CA GLY A 68 -0.22 -29.07 2.26
C GLY A 68 -0.72 -30.23 1.39
N LEU A 69 -1.50 -29.93 0.37
CA LEU A 69 -2.00 -30.95 -0.55
C LEU A 69 -1.02 -31.24 -1.70
N PHE A 70 -0.54 -30.18 -2.35
CA PHE A 70 0.28 -30.33 -3.56
C PHE A 70 1.77 -30.34 -3.31
N SER A 71 2.20 -29.84 -2.15
CA SER A 71 3.62 -29.85 -1.80
C SER A 71 4.51 -29.30 -2.93
N PRO A 72 4.22 -28.10 -3.43
CA PRO A 72 4.87 -27.64 -4.66
C PRO A 72 6.35 -27.27 -4.49
N ILE A 73 7.06 -27.24 -5.62
CA ILE A 73 8.44 -26.78 -5.68
C ILE A 73 8.61 -25.75 -6.79
N GLY A 74 9.72 -25.02 -6.76
CA GLY A 74 10.04 -24.09 -7.82
C GLY A 74 9.04 -22.95 -7.94
N LYS A 75 8.59 -22.71 -9.17
CA LYS A 75 7.78 -21.53 -9.47
C LYS A 75 6.48 -21.45 -8.65
N PRO A 76 5.63 -22.48 -8.67
CA PRO A 76 4.43 -22.51 -7.82
C PRO A 76 4.69 -22.33 -6.31
N LEU A 77 5.78 -22.87 -5.76
CA LEU A 77 6.14 -22.62 -4.36
C LEU A 77 6.50 -21.14 -4.12
N LEU A 78 7.31 -20.57 -5.02
CA LEU A 78 7.63 -19.16 -4.94
C LEU A 78 6.38 -18.30 -4.99
N THR A 79 5.43 -18.67 -5.83
CA THR A 79 4.23 -17.88 -6.01
C THR A 79 3.40 -17.90 -4.74
N VAL A 80 3.30 -19.06 -4.11
CA VAL A 80 2.51 -19.17 -2.90
C VAL A 80 3.17 -18.41 -1.74
N THR A 81 4.46 -18.62 -1.50
CA THR A 81 5.13 -17.89 -0.42
C THR A 81 5.13 -16.39 -0.67
N ALA A 82 5.30 -15.97 -1.93
CA ALA A 82 5.18 -14.57 -2.30
C ALA A 82 3.78 -14.03 -1.98
N GLY A 83 2.76 -14.83 -2.25
CA GLY A 83 1.40 -14.45 -1.90
C GLY A 83 1.19 -14.26 -0.42
N ILE A 84 1.81 -15.10 0.41
CA ILE A 84 1.76 -14.97 1.87
C ILE A 84 2.32 -13.58 2.28
N ARG A 85 3.46 -13.22 1.69
CA ARG A 85 4.11 -11.95 2.02
C ARG A 85 3.33 -10.74 1.54
N VAL A 86 2.77 -10.83 0.33
CA VAL A 86 2.02 -9.73 -0.27
C VAL A 86 0.74 -9.46 0.54
N ALA A 87 0.11 -10.52 1.06
CA ALA A 87 -1.13 -10.37 1.81
C ALA A 87 -0.92 -9.62 3.13
N GLU A 88 0.22 -9.80 3.81
CA GLU A 88 0.55 -8.93 4.93
C GLU A 88 0.80 -7.48 4.54
N LEU A 89 1.40 -7.25 3.39
CA LEU A 89 1.62 -5.90 2.91
C LEU A 89 0.26 -5.23 2.66
N ILE A 90 -0.65 -5.99 2.07
CA ILE A 90 -1.99 -5.50 1.76
C ILE A 90 -2.76 -5.22 3.03
N GLU A 91 -2.64 -6.08 4.03
CA GLU A 91 -3.34 -5.89 5.26
C GLU A 91 -2.82 -4.62 5.94
N ASN A 92 -1.49 -4.42 5.94
CA ASN A 92 -0.89 -3.23 6.55
C ASN A 92 -1.26 -1.92 5.84
N ILE A 93 -1.39 -1.99 4.53
CA ILE A 93 -1.86 -0.85 3.73
C ILE A 93 -3.24 -0.52 4.21
N ALA A 94 -4.09 -1.53 4.40
CA ALA A 94 -5.42 -1.28 4.93
C ALA A 94 -5.41 -0.65 6.31
N ASP A 95 -4.49 -1.04 7.19
CA ASP A 95 -4.32 -0.38 8.50
C ASP A 95 -4.03 1.10 8.31
N LYS A 96 -3.18 1.43 7.33
CA LYS A 96 -2.81 2.82 7.11
C LYS A 96 -3.98 3.60 6.53
N CYS A 97 -4.76 2.99 5.66
CA CYS A 97 -5.97 3.63 5.14
C CYS A 97 -6.97 3.90 6.26
N HIS A 98 -7.16 2.92 7.12
CA HIS A 98 -7.98 3.03 8.32
C HIS A 98 -7.54 4.22 9.16
N ASP A 99 -6.22 4.37 9.36
CA ASP A 99 -5.71 5.49 10.14
C ASP A 99 -5.91 6.86 9.46
N ILE A 100 -5.85 6.91 8.13
CA ILE A 100 -6.12 8.14 7.39
C ILE A 100 -7.56 8.55 7.61
N ALA A 101 -8.47 7.59 7.52
CA ALA A 101 -9.89 7.79 7.72
C ALA A 101 -10.22 8.29 9.13
N LYS A 102 -9.56 7.71 10.15
CA LYS A 102 -9.69 8.19 11.52
C LYS A 102 -9.29 9.67 11.63
N ASN A 103 -8.19 10.02 10.98
CA ASN A 103 -7.76 11.39 10.93
C ASN A 103 -8.74 12.31 10.20
N VAL A 104 -9.33 11.84 9.11
CA VAL A 104 -10.37 12.61 8.40
C VAL A 104 -11.55 12.97 9.31
N LEU A 105 -12.07 11.97 10.04
CA LEU A 105 -13.16 12.20 10.98
C LEU A 105 -12.81 13.27 12.02
N GLU A 106 -11.58 13.23 12.53
CA GLU A 106 -11.13 14.21 13.52
C GLU A 106 -10.98 15.61 12.91
N LEU A 107 -10.44 15.66 11.68
CA LEU A 107 -10.29 16.90 10.93
C LEU A 107 -11.63 17.60 10.67
N MET A 108 -12.68 16.79 10.52
CA MET A 108 -14.01 17.30 10.21
C MET A 108 -14.67 17.99 11.41
N GLU A 109 -14.09 17.84 12.60
CA GLU A 109 -14.54 18.53 13.82
C GLU A 109 -14.28 20.03 13.83
N GLU A 110 -13.48 20.53 12.89
CA GLU A 110 -13.26 21.96 12.81
C GLU A 110 -13.02 22.38 11.37
N PRO A 111 -13.09 23.69 11.09
CA PRO A 111 -13.07 24.13 9.68
C PRO A 111 -11.80 23.76 8.93
N PRO A 112 -11.84 23.73 7.60
CA PRO A 112 -10.68 23.37 6.79
C PRO A 112 -9.49 24.29 7.08
N LEU A 113 -8.30 23.73 7.24
CA LEU A 113 -7.11 24.52 7.60
C LEU A 113 -6.61 25.34 6.44
N LYS A 114 -6.53 24.71 5.27
CA LYS A 114 -5.91 25.33 4.09
C LYS A 114 -6.25 24.52 2.84
N PRO A 115 -5.96 25.08 1.66
CA PRO A 115 -6.01 24.31 0.41
C PRO A 115 -5.07 23.09 0.34
N LEU A 116 -5.60 21.99 -0.18
CA LEU A 116 -4.84 20.74 -0.28
C LEU A 116 -4.34 20.60 -1.70
N GLU A 117 -3.03 20.57 -1.86
CA GLU A 117 -2.38 20.32 -3.16
C GLU A 117 -1.36 19.17 -3.05
N ASP A 118 -0.36 19.35 -2.18
CA ASP A 118 0.70 18.36 -2.06
C ASP A 118 0.20 17.00 -1.54
N ILE A 119 -0.79 16.97 -0.66
CA ILE A 119 -1.28 15.70 -0.12
C ILE A 119 -2.02 14.93 -1.24
N PRO A 120 -3.00 15.54 -1.90
CA PRO A 120 -3.60 14.92 -3.09
C PRO A 120 -2.59 14.43 -4.13
N ALA A 121 -1.49 15.16 -4.31
CA ALA A 121 -0.45 14.77 -5.26
C ALA A 121 0.36 13.58 -4.74
N MET A 122 0.63 13.55 -3.44
CA MET A 122 1.24 12.37 -2.84
C MET A 122 0.39 11.14 -3.07
N ALA A 123 -0.92 11.27 -2.84
CA ALA A 123 -1.89 10.17 -2.98
C ALA A 123 -1.99 9.70 -4.41
N ASN A 124 -1.99 10.64 -5.34
CA ASN A 124 -2.07 10.30 -6.74
C ASN A 124 -0.87 9.46 -7.16
N GLN A 125 0.32 9.87 -6.73
CA GLN A 125 1.53 9.14 -7.08
C GLN A 125 1.52 7.78 -6.40
N THR A 126 0.97 7.75 -5.19
CA THR A 126 0.95 6.51 -4.45
C THR A 126 -0.01 5.52 -5.06
N SER A 127 -1.16 6.00 -5.51
CA SER A 127 -2.14 5.14 -6.14
C SER A 127 -1.61 4.59 -7.47
N GLU A 128 -0.79 5.36 -8.18
CA GLU A 128 -0.08 4.88 -9.38
C GLU A 128 0.87 3.72 -9.01
N MET A 129 1.59 3.89 -7.91
CA MET A 129 2.53 2.89 -7.43
C MET A 129 1.83 1.61 -7.01
N LEU A 130 0.72 1.73 -6.27
CA LEU A 130 -0.10 0.60 -5.89
C LEU A 130 -0.58 -0.20 -7.10
N LYS A 131 -1.15 0.50 -8.07
CA LYS A 131 -1.65 -0.10 -9.30
C LYS A 131 -0.53 -0.86 -10.03
N PHE A 132 0.61 -0.20 -10.14
CA PHE A 132 1.77 -0.76 -10.78
C PHE A 132 2.30 -2.00 -10.02
N ALA A 133 2.30 -1.93 -8.70
CA ALA A 133 2.80 -3.05 -7.89
C ALA A 133 1.92 -4.28 -8.11
N LEU A 134 0.62 -4.07 -8.16
CA LEU A 134 -0.31 -5.19 -8.26
C LEU A 134 -0.24 -5.79 -9.64
N ARG A 135 0.12 -4.98 -10.62
CA ARG A 135 0.31 -5.45 -11.99
C ARG A 135 1.62 -6.20 -12.18
N MET A 136 2.62 -5.84 -11.41
CA MET A 136 3.85 -6.59 -11.35
C MET A 136 3.63 -7.93 -10.66
N PHE A 137 2.86 -7.96 -9.57
CA PHE A 137 2.48 -9.22 -8.93
C PHE A 137 1.72 -10.16 -9.87
N ALA A 138 0.83 -9.60 -10.69
CA ALA A 138 0.06 -10.39 -11.64
C ALA A 138 0.94 -10.96 -12.75
N ASP A 139 1.88 -10.14 -13.24
CA ASP A 139 2.81 -10.54 -14.29
C ASP A 139 4.11 -9.72 -14.20
N VAL A 140 5.12 -10.31 -13.57
CA VAL A 140 6.38 -9.62 -13.26
C VAL A 140 7.21 -9.27 -14.50
N ASN A 141 7.61 -8.00 -14.58
CA ASN A 141 8.57 -7.52 -15.55
C ASN A 141 9.69 -6.87 -14.74
N VAL A 142 10.83 -7.56 -14.62
CA VAL A 142 11.90 -7.10 -13.74
C VAL A 142 12.53 -5.81 -14.26
N GLU A 143 12.62 -5.69 -15.58
CA GLU A 143 13.26 -4.52 -16.18
C GLU A 143 12.42 -3.25 -15.95
N LYS A 144 11.10 -3.41 -15.86
CA LYS A 144 10.19 -2.27 -15.65
C LYS A 144 9.89 -2.06 -14.16
N SER A 145 10.07 -3.10 -13.35
CA SER A 145 9.77 -3.02 -11.93
C SER A 145 10.64 -1.96 -11.24
N PHE A 146 11.83 -1.75 -11.79
CA PHE A 146 12.74 -0.63 -11.47
C PHE A 146 12.02 0.72 -11.31
N GLU A 147 10.98 0.96 -12.10
CA GLU A 147 10.27 2.23 -12.08
C GLU A 147 9.59 2.60 -10.75
N VAL A 148 9.17 1.60 -9.98
CA VAL A 148 8.53 1.90 -8.69
C VAL A 148 9.44 2.71 -7.76
N CYS A 149 10.75 2.44 -7.81
CA CYS A 149 11.73 3.10 -6.93
C CYS A 149 11.79 4.60 -7.17
N ARG A 150 11.88 4.96 -8.46
CA ARG A 150 11.80 6.36 -8.87
C ARG A 150 10.50 7.04 -8.45
N MET A 151 9.39 6.30 -8.58
CA MET A 151 8.08 6.82 -8.19
C MET A 151 8.04 7.15 -6.70
N ASP A 152 8.72 6.34 -5.90
CA ASP A 152 8.75 6.54 -4.47
C ASP A 152 9.52 7.81 -4.07
N SER A 153 10.50 8.17 -4.88
CA SER A 153 11.33 9.33 -4.59
C SER A 153 10.51 10.59 -4.71
N LYS A 154 9.50 10.56 -5.56
CA LYS A 154 8.56 11.67 -5.69
C LYS A 154 7.70 11.79 -4.45
N VAL A 155 7.26 10.66 -3.93
CA VAL A 155 6.52 10.65 -2.68
C VAL A 155 7.42 11.14 -1.50
N ASP A 156 8.66 10.69 -1.42
CA ASP A 156 9.56 11.14 -0.37
C ASP A 156 9.74 12.68 -0.41
N ASP A 157 10.00 13.23 -1.59
CA ASP A 157 10.21 14.68 -1.74
C ASP A 157 8.99 15.50 -1.38
N LEU A 158 7.80 15.02 -1.76
CA LEU A 158 6.54 15.67 -1.39
C LEU A 158 6.31 15.64 0.11
N TYR A 159 6.58 14.48 0.73
CA TYR A 159 6.44 14.32 2.17
C TYR A 159 7.29 15.34 2.92
N GLU A 160 8.56 15.47 2.51
CA GLU A 160 9.48 16.42 3.15
C GLU A 160 8.96 17.86 3.05
N LYS A 161 8.38 18.20 1.89
CA LYS A 161 7.83 19.54 1.66
C LYS A 161 6.65 19.78 2.57
N VAL A 162 5.72 18.83 2.59
CA VAL A 162 4.51 18.89 3.39
C VAL A 162 4.88 18.99 4.87
N ARG A 163 5.86 18.21 5.30
CA ARG A 163 6.29 18.20 6.70
C ARG A 163 6.78 19.58 7.11
N GLU A 164 7.62 20.20 6.29
CA GLU A 164 8.18 21.51 6.58
C GLU A 164 7.09 22.60 6.60
N GLU A 165 6.16 22.52 5.65
CA GLU A 165 5.07 23.48 5.53
C GLU A 165 4.12 23.39 6.73
N LEU A 166 3.77 22.17 7.12
CA LEU A 166 2.86 21.97 8.24
C LEU A 166 3.50 22.32 9.57
N LEU A 167 4.82 22.15 9.69
CA LEU A 167 5.53 22.61 10.89
C LEU A 167 5.41 24.12 11.05
N LEU A 168 5.50 24.83 9.92
CA LEU A 168 5.32 26.26 9.91
C LEU A 168 3.91 26.67 10.33
N TYR A 169 2.89 25.95 9.87
CA TYR A 169 1.51 26.22 10.27
C TYR A 169 1.32 26.02 11.77
N MET A 170 1.85 24.91 12.29
CA MET A 170 1.82 24.62 13.71
C MET A 170 2.42 25.74 14.53
N MET A 171 3.49 26.35 14.03
CA MET A 171 4.19 27.43 14.74
C MET A 171 3.52 28.80 14.61
N GLU A 172 2.71 28.97 13.58
CA GLU A 172 2.09 30.26 13.28
C GLU A 172 1.04 30.63 14.31
N SER A 173 0.19 29.68 14.63
CA SER A 173 -0.86 29.88 15.61
C SER A 173 -1.24 28.57 16.31
N PRO A 174 -1.58 28.63 17.59
CA PRO A 174 -2.09 27.45 18.30
C PRO A 174 -3.36 26.86 17.69
N LYS A 175 -4.17 27.67 17.00
CA LYS A 175 -5.43 27.21 16.43
C LYS A 175 -5.25 26.36 15.17
N TYR A 176 -4.06 26.44 14.57
CA TYR A 176 -3.70 25.61 13.39
C TYR A 176 -3.10 24.26 13.77
N VAL A 177 -2.64 24.12 15.01
CA VAL A 177 -1.86 22.96 15.45
C VAL A 177 -2.53 21.60 15.18
N LYS A 178 -3.75 21.40 15.66
CA LYS A 178 -4.38 20.08 15.61
C LYS A 178 -4.62 19.64 14.16
N ARG A 179 -5.16 20.53 13.34
CA ARG A 179 -5.38 20.23 11.93
C ARG A 179 -4.08 19.94 11.19
N ALA A 180 -3.06 20.76 11.44
CA ALA A 180 -1.77 20.60 10.80
C ALA A 180 -1.17 19.26 11.17
N LEU A 181 -1.32 18.84 12.44
CA LEU A 181 -0.80 17.56 12.89
C LEU A 181 -1.53 16.42 12.21
N LEU A 182 -2.86 16.50 12.17
CA LEU A 182 -3.69 15.46 11.60
C LEU A 182 -3.39 15.30 10.11
N LEU A 183 -3.22 16.42 9.41
CA LEU A 183 -2.80 16.40 8.00
C LEU A 183 -1.41 15.82 7.81
N LEU A 184 -0.48 16.14 8.72
CA LEU A 184 0.88 15.65 8.63
C LEU A 184 0.94 14.13 8.81
N GLU A 185 0.16 13.64 9.77
CA GLU A 185 0.00 12.22 9.99
C GLU A 185 -0.62 11.52 8.77
N ILE A 186 -1.58 12.13 8.11
CA ILE A 186 -2.09 11.56 6.89
C ILE A 186 -0.98 11.44 5.83
N ALA A 187 -0.21 12.50 5.64
CA ALA A 187 0.92 12.49 4.68
C ALA A 187 1.90 11.34 4.98
N GLY A 188 2.24 11.17 6.25
CA GLY A 188 3.09 10.10 6.74
C GLY A 188 2.56 8.70 6.42
N ASN A 189 1.27 8.52 6.62
CA ASN A 189 0.59 7.26 6.26
C ASN A 189 0.64 6.98 4.72
N ILE A 190 0.44 8.01 3.91
CA ILE A 190 0.60 7.90 2.44
C ILE A 190 2.01 7.47 2.10
N GLU A 191 3.00 8.09 2.75
CA GLU A 191 4.43 7.81 2.52
C GLU A 191 4.75 6.36 2.83
N ILE A 192 4.20 5.85 3.93
CA ILE A 192 4.35 4.45 4.31
C ILE A 192 3.63 3.49 3.33
N ILE A 193 2.45 3.88 2.88
CA ILE A 193 1.70 3.09 1.92
C ILE A 193 2.53 2.97 0.63
N ALA A 194 3.14 4.06 0.21
CA ALA A 194 4.00 4.03 -0.96
C ALA A 194 5.19 3.07 -0.72
N ASP A 195 5.80 3.08 0.48
CA ASP A 195 6.84 2.12 0.82
C ASP A 195 6.35 0.67 0.67
N TYR A 196 5.13 0.41 1.14
CA TYR A 196 4.53 -0.91 1.01
C TYR A 196 4.33 -1.31 -0.45
N ALA A 197 3.95 -0.35 -1.30
CA ALA A 197 3.85 -0.59 -2.75
C ALA A 197 5.19 -1.01 -3.35
N THR A 198 6.28 -0.31 -2.98
CA THR A 198 7.61 -0.73 -3.38
C THR A 198 7.93 -2.14 -2.87
N ASN A 199 7.52 -2.48 -1.64
CA ASN A 199 7.78 -3.82 -1.11
C ASN A 199 7.03 -4.92 -1.89
N ILE A 200 5.81 -4.62 -2.34
CA ILE A 200 5.05 -5.53 -3.20
C ILE A 200 5.81 -5.77 -4.49
N VAL A 201 6.43 -4.75 -5.06
CA VAL A 201 7.24 -4.93 -6.26
C VAL A 201 8.49 -5.78 -5.94
N GLU A 202 9.15 -5.49 -4.83
CA GLU A 202 10.34 -6.26 -4.45
C GLU A 202 9.99 -7.75 -4.28
N VAL A 203 8.89 -8.03 -3.59
CA VAL A 203 8.47 -9.40 -3.35
C VAL A 203 8.08 -10.09 -4.67
N SER A 204 7.45 -9.35 -5.58
CA SER A 204 7.08 -9.89 -6.89
C SER A 204 8.31 -10.26 -7.74
N VAL A 205 9.38 -9.48 -7.62
CA VAL A 205 10.63 -9.76 -8.32
C VAL A 205 11.28 -11.03 -7.77
N TYR A 206 11.33 -11.16 -6.45
CA TYR A 206 11.78 -12.36 -5.77
C TYR A 206 11.01 -13.60 -6.25
N MET A 207 9.72 -13.42 -6.51
CA MET A 207 8.82 -14.51 -6.85
C MET A 207 9.25 -15.20 -8.14
N VAL A 208 9.88 -14.45 -9.04
CA VAL A 208 10.46 -15.03 -10.26
C VAL A 208 11.95 -15.34 -10.09
N GLN A 209 12.67 -14.45 -9.41
CA GLN A 209 14.12 -14.53 -9.30
C GLN A 209 14.63 -15.53 -8.24
N GLY A 210 13.78 -15.91 -7.29
CA GLY A 210 14.21 -16.57 -6.08
C GLY A 210 15.43 -15.92 -5.42
N GLU A 211 15.60 -14.63 -5.68
CA GLU A 211 16.71 -13.83 -5.14
C GLU A 211 16.20 -12.42 -4.78
N ALA A 212 16.64 -11.90 -3.62
CA ALA A 212 16.13 -10.62 -3.11
C ALA A 212 16.67 -9.41 -3.87
N TYR A 213 15.75 -8.56 -4.34
CA TYR A 213 16.05 -7.22 -4.83
C TYR A 213 15.43 -6.19 -3.88
N LYS A 214 16.01 -4.99 -3.85
CA LYS A 214 15.52 -3.90 -3.01
C LYS A 214 15.67 -2.54 -3.72
N CYS A 215 14.68 -1.67 -3.54
CA CYS A 215 14.81 -0.27 -3.95
C CYS A 215 15.86 0.41 -3.10
N TYR A 216 16.82 1.05 -3.76
CA TYR A 216 17.79 1.92 -3.11
C TYR A 216 17.60 3.26 -3.78
N HIS A 217 16.77 4.11 -3.16
CA HIS A 217 16.38 5.38 -3.76
C HIS A 217 15.99 5.13 -5.22
N ASP A 218 16.33 5.56 -6.21
CA ASP A 218 15.78 5.37 -7.56
C ASP A 218 16.14 4.00 -8.17
N GLU A 219 17.08 3.28 -7.58
CA GLU A 219 17.58 2.04 -8.17
C GLU A 219 17.06 0.76 -7.54
N LEU A 220 16.54 -0.15 -8.34
CA LEU A 220 16.25 -1.52 -7.88
C LEU A 220 17.48 -2.40 -8.08
N LEU A 221 18.16 -2.74 -6.98
CA LEU A 221 19.37 -3.55 -7.06
C LEU A 221 19.21 -4.88 -6.35
N LEU A 222 20.07 -5.83 -6.71
CA LEU A 222 20.19 -7.08 -5.96
C LEU A 222 20.54 -6.74 -4.54
N PHE A 223 19.84 -7.33 -3.58
CA PHE A 223 20.04 -6.97 -2.18
C PHE A 223 21.53 -7.05 -1.83
N LYS A 224 22.15 -5.88 -1.76
CA LYS A 224 23.60 -5.77 -1.63
C LYS A 224 23.93 -5.66 -0.16
N LYS A 225 24.11 -6.80 0.49
CA LYS A 225 24.45 -6.77 1.92
C LYS A 225 25.25 -7.97 2.43
N SER A 226 25.92 -7.72 3.56
CA SER A 226 26.85 -8.62 4.22
C SER A 226 26.31 -10.04 4.39
FE FE B . -11.96 -23.54 -9.91
FE FE C . -5.67 -4.73 10.26
FE FE D . -1.41 -5.14 10.43
FE FE E . -1.33 -9.02 9.54
FE FE F . 9.35 6.31 0.87
FE FE G . 9.39 5.76 4.65
FE FE H . 12.27 5.97 -1.37
NI NI I . -8.90 -4.79 12.57
CA CA J . -6.62 13.43 17.50
P PO3 K . 11.86 5.26 2.00
O1 PO3 K . 11.93 5.97 0.70
O2 PO3 K . 13.24 5.15 2.65
O3 PO3 K . 10.86 5.85 2.97
P PO3 L . -4.33 -5.31 12.78
O1 PO3 L . -3.12 -6.08 12.28
O2 PO3 L . -4.27 -3.89 12.26
O3 PO3 L . -5.64 -5.89 12.33
#